data_4UE0
#
_entry.id   4UE0
#
_cell.length_a   43.330
_cell.length_b   48.190
_cell.length_c   52.070
_cell.angle_alpha   117.11
_cell.angle_beta   95.56
_cell.angle_gamma   110.17
#
_symmetry.space_group_name_H-M   'P 1'
#
loop_
_entity.id
_entity.type
_entity.pdbx_description
1 polymer FIBER
2 non-polymer 'CARBONATE ION'
3 non-polymer 'THIOCYANATE ION'
4 water water
#
_entity_poly.entity_id   1
_entity_poly.type   'polypeptide(L)'
_entity_poly.pdbx_seq_one_letter_code
;GALTTSTRQGSRVVGFMDFIIALGWQIIPSNIRYIYILNCSQFMPTSDVTTIYFQADSGLESIFVMDSPFYASCTQQLPD
KTIKTYGVTISKKQSIISINFSSSLEPNIMVSAWTASITRTQ
;
_entity_poly.pdbx_strand_id   A,B,C
#
loop_
_chem_comp.id
_chem_comp.type
_chem_comp.name
_chem_comp.formula
CO3 non-polymer 'CARBONATE ION' 'C O3 -2'
SCN non-polymer 'THIOCYANATE ION' 'C N S -1'
#
# COMPACT_ATOMS: atom_id res chain seq x y z
N THR A 7 14.89 -4.11 -15.27
CA THR A 7 13.51 -3.56 -14.95
C THR A 7 13.21 -2.34 -15.80
N ARG A 8 11.93 -2.26 -16.15
CA ARG A 8 11.40 -1.21 -17.00
C ARG A 8 10.38 -0.46 -16.18
N GLN A 9 10.32 0.87 -16.35
CA GLN A 9 9.31 1.64 -15.61
C GLN A 9 8.94 2.93 -16.32
N GLY A 10 7.83 3.54 -15.90
CA GLY A 10 7.39 4.79 -16.51
C GLY A 10 6.25 5.42 -15.75
N SER A 11 5.80 6.54 -16.28
CA SER A 11 4.72 7.31 -15.71
C SER A 11 3.77 7.82 -16.78
N ARG A 12 2.56 8.14 -16.32
CA ARG A 12 1.55 8.74 -17.16
C ARG A 12 0.67 9.61 -16.29
N VAL A 13 0.57 10.88 -16.65
CA VAL A 13 -0.36 11.77 -16.04
C VAL A 13 -1.62 11.75 -16.92
N VAL A 14 -2.77 11.61 -16.30
CA VAL A 14 -4.05 11.58 -17.01
C VAL A 14 -4.92 12.72 -16.53
N GLY A 15 -5.30 13.61 -17.44
CA GLY A 15 -6.35 14.57 -17.16
C GLY A 15 -7.71 13.92 -17.43
N PHE A 16 -8.57 13.90 -16.43
CA PHE A 16 -9.88 13.28 -16.57
C PHE A 16 -10.88 14.21 -15.95
N MET A 17 -11.80 14.56 -16.84
N MET A 17 -11.91 14.68 -16.65
CA MET A 17 -12.59 15.70 -16.68
CA MET A 17 -13.04 15.45 -16.02
C MET A 17 -11.60 16.77 -16.23
C MET A 17 -12.69 16.64 -15.06
N ASP A 18 -11.91 17.41 -15.10
N ASP A 18 -11.65 17.42 -15.46
CA ASP A 18 -11.30 18.61 -14.60
CA ASP A 18 -11.06 18.58 -14.77
C ASP A 18 -10.30 18.29 -13.46
C ASP A 18 -10.29 18.27 -13.50
N PHE A 19 -9.79 17.05 -13.39
CA PHE A 19 -8.77 16.72 -12.39
C PHE A 19 -7.69 15.82 -13.02
N ILE A 20 -6.63 15.57 -12.27
CA ILE A 20 -5.44 14.81 -12.71
C ILE A 20 -5.31 13.59 -11.84
N ILE A 21 -4.93 12.48 -12.48
CA ILE A 21 -4.38 11.34 -11.77
C ILE A 21 -3.03 11.04 -12.36
N ALA A 22 -2.13 10.52 -11.52
CA ALA A 22 -0.77 10.25 -11.96
C ALA A 22 -0.42 8.80 -11.65
N LEU A 23 -0.17 8.05 -12.73
CA LEU A 23 0.11 6.63 -12.69
C LEU A 23 1.58 6.34 -12.93
N GLY A 24 2.07 5.34 -12.23
CA GLY A 24 3.41 4.80 -12.45
C GLY A 24 3.28 3.33 -12.69
N TRP A 25 4.19 2.78 -13.47
CA TRP A 25 4.20 1.36 -13.73
C TRP A 25 5.63 0.84 -13.74
N GLN A 26 5.76 -0.44 -13.41
CA GLN A 26 7.07 -1.11 -13.43
CA GLN A 26 7.05 -1.10 -13.43
C GLN A 26 6.88 -2.57 -13.84
N ILE A 27 7.86 -3.08 -14.57
CA ILE A 27 7.99 -4.50 -14.86
C ILE A 27 9.32 -4.93 -14.25
N ILE A 28 9.25 -5.89 -13.34
CA ILE A 28 10.44 -6.41 -12.70
C ILE A 28 10.62 -7.86 -13.14
N PRO A 29 11.50 -8.11 -14.11
CA PRO A 29 11.71 -9.47 -14.59
C PRO A 29 12.70 -10.22 -13.73
N SER A 30 12.49 -11.53 -13.61
CA SER A 30 13.45 -12.48 -13.05
C SER A 30 13.21 -13.87 -13.67
N ASN A 31 14.10 -14.81 -13.36
CA ASN A 31 13.97 -16.20 -13.83
C ASN A 31 13.02 -17.00 -12.93
N ILE A 32 12.52 -16.34 -11.87
CA ILE A 32 11.51 -16.90 -11.00
C ILE A 32 10.12 -16.42 -11.45
N ARG A 33 10.01 -15.12 -11.77
CA ARG A 33 8.72 -14.52 -12.08
C ARG A 33 8.91 -13.14 -12.75
N TYR A 34 7.86 -12.63 -13.40
CA TYR A 34 7.80 -11.20 -13.73
C TYR A 34 6.78 -10.59 -12.80
N ILE A 35 7.11 -9.43 -12.26
CA ILE A 35 6.18 -8.64 -11.46
C ILE A 35 5.76 -7.40 -12.26
N TYR A 36 4.46 -7.18 -12.30
CA TYR A 36 3.84 -6.05 -12.99
C TYR A 36 3.21 -5.18 -11.91
N ILE A 37 3.71 -3.94 -11.79
CA ILE A 37 3.30 -3.01 -10.75
C ILE A 37 2.61 -1.81 -11.40
N LEU A 38 1.46 -1.43 -10.84
CA LEU A 38 0.76 -0.23 -11.22
C LEU A 38 0.49 0.57 -9.97
N ASN A 39 0.87 1.84 -9.97
CA ASN A 39 0.48 2.66 -8.87
C ASN A 39 -0.07 4.00 -9.27
N CYS A 40 -0.69 4.62 -8.29
CA CYS A 40 -1.34 5.89 -8.49
C CYS A 40 -1.11 6.75 -7.28
N SER A 41 -0.74 8.00 -7.51
CA SER A 41 -0.64 8.95 -6.42
C SER A 41 -2.01 9.34 -5.89
N GLN A 42 -2.08 9.95 -4.71
CA GLN A 42 -3.33 10.50 -4.25
C GLN A 42 -3.89 11.50 -5.28
N PHE A 43 -5.20 11.60 -5.31
CA PHE A 43 -5.85 12.52 -6.22
C PHE A 43 -7.16 12.98 -5.64
N MET A 44 -7.66 14.10 -6.18
CA MET A 44 -8.88 14.71 -5.68
C MET A 44 -9.90 14.78 -6.82
N PRO A 45 -10.83 13.82 -6.87
CA PRO A 45 -11.87 13.88 -7.88
C PRO A 45 -12.79 15.06 -7.58
N THR A 46 -13.37 15.64 -8.61
CA THR A 46 -14.24 16.81 -8.48
C THR A 46 -15.70 16.49 -8.71
N SER A 47 -15.99 15.22 -8.93
CA SER A 47 -17.35 14.74 -9.15
C SER A 47 -17.41 13.29 -8.68
N ASP A 48 -18.62 12.75 -8.64
CA ASP A 48 -18.87 11.43 -8.09
C ASP A 48 -18.60 10.36 -9.13
N VAL A 49 -17.37 10.29 -9.59
CA VAL A 49 -16.99 9.34 -10.60
C VAL A 49 -16.94 7.91 -10.07
N THR A 50 -17.29 6.99 -10.96
CA THR A 50 -17.12 5.57 -10.74
C THR A 50 -16.04 4.99 -11.62
N THR A 51 -15.75 5.64 -12.73
CA THR A 51 -14.79 5.11 -13.70
C THR A 51 -13.92 6.23 -14.24
N ILE A 52 -12.61 5.99 -14.30
CA ILE A 52 -11.68 6.86 -14.99
C ILE A 52 -11.10 6.05 -16.13
N TYR A 53 -11.19 6.58 -17.35
CA TYR A 53 -10.70 5.86 -18.51
C TYR A 53 -9.86 6.81 -19.37
N PHE A 54 -9.01 6.24 -20.19
CA PHE A 54 -8.12 6.99 -21.02
C PHE A 54 -7.44 6.05 -22.00
N GLN A 55 -6.80 6.65 -22.99
CA GLN A 55 -6.09 5.89 -23.99
C GLN A 55 -4.64 5.75 -23.55
N ALA A 56 -4.16 4.51 -23.53
CA ALA A 56 -2.87 4.20 -22.97
C ALA A 56 -1.81 4.46 -23.94
N ASP A 57 -0.68 4.87 -23.38
CA ASP A 57 0.61 4.92 -24.04
C ASP A 57 1.25 3.52 -24.07
N SER A 58 2.27 3.38 -24.91
CA SER A 58 3.00 2.11 -25.06
C SER A 58 3.52 1.53 -23.73
N GLY A 59 4.09 2.42 -22.91
CA GLY A 59 4.69 2.02 -21.64
C GLY A 59 3.63 1.35 -20.77
N LEU A 60 2.54 2.04 -20.57
CA LEU A 60 1.52 1.54 -19.66
C LEU A 60 0.86 0.29 -20.21
N GLU A 61 0.63 0.26 -21.51
CA GLU A 61 -0.01 -0.90 -22.07
C GLU A 61 0.84 -2.16 -21.78
N SER A 62 2.17 -2.00 -21.63
CA SER A 62 3.07 -3.15 -21.51
C SER A 62 2.86 -3.98 -20.24
N ILE A 63 2.16 -3.44 -19.24
CA ILE A 63 1.99 -4.18 -18.00
C ILE A 63 0.72 -5.04 -18.02
N PHE A 64 -0.12 -4.87 -19.06
CA PHE A 64 -1.37 -5.61 -19.15
C PHE A 64 -1.18 -6.87 -19.98
N VAL A 65 -0.44 -7.81 -19.39
CA VAL A 65 -0.07 -9.05 -20.05
C VAL A 65 -1.03 -10.16 -19.66
N MET A 66 -1.52 -10.12 -18.42
CA MET A 66 -2.36 -11.18 -17.92
C MET A 66 -3.83 -10.90 -18.25
N ASP A 67 -4.62 -11.96 -18.26
CA ASP A 67 -6.07 -11.82 -18.44
C ASP A 67 -6.74 -11.13 -17.24
N SER A 68 -6.26 -11.36 -16.01
CA SER A 68 -6.87 -10.75 -14.83
C SER A 68 -6.60 -9.24 -14.77
N PRO A 69 -7.62 -8.45 -14.44
CA PRO A 69 -7.36 -7.04 -14.14
C PRO A 69 -6.54 -6.89 -12.88
N PHE A 70 -5.89 -5.75 -12.75
CA PHE A 70 -5.29 -5.37 -11.49
C PHE A 70 -6.39 -5.04 -10.49
N TYR A 71 -6.18 -5.41 -9.22
CA TYR A 71 -7.13 -5.10 -8.16
C TYR A 71 -6.36 -4.50 -6.97
N ALA A 72 -6.78 -3.32 -6.53
CA ALA A 72 -6.22 -2.63 -5.39
C ALA A 72 -7.34 -1.99 -4.58
N SER A 73 -7.01 -1.27 -3.52
CA SER A 73 -8.00 -0.52 -2.77
C SER A 73 -7.47 0.84 -2.43
N CYS A 74 -8.38 1.76 -2.15
CA CYS A 74 -8.05 3.09 -1.70
C CYS A 74 -9.13 3.56 -0.77
N THR A 75 -8.93 4.75 -0.17
CA THR A 75 -9.90 5.29 0.78
C THR A 75 -10.12 6.77 0.55
N GLN A 76 -11.25 7.22 1.10
CA GLN A 76 -11.49 8.65 1.36
C GLN A 76 -11.96 8.81 2.81
N GLN A 77 -11.56 9.92 3.41
CA GLN A 77 -11.99 10.30 4.75
C GLN A 77 -13.09 11.32 4.62
N LEU A 78 -14.27 10.93 5.08
CA LEU A 78 -15.47 11.75 4.94
C LEU A 78 -15.46 12.88 5.95
N PRO A 79 -16.30 13.89 5.73
CA PRO A 79 -16.27 15.02 6.65
C PRO A 79 -16.50 14.68 8.14
N ASP A 80 -17.28 13.63 8.41
CA ASP A 80 -17.53 13.13 9.78
C ASP A 80 -16.42 12.20 10.30
N LYS A 81 -15.34 12.09 9.53
CA LYS A 81 -14.14 11.32 9.86
C LYS A 81 -14.30 9.81 9.66
N THR A 82 -15.46 9.36 9.19
CA THR A 82 -15.58 7.98 8.78
C THR A 82 -14.74 7.74 7.51
N ILE A 83 -14.29 6.50 7.34
CA ILE A 83 -13.44 6.13 6.21
C ILE A 83 -14.20 5.21 5.29
N LYS A 84 -14.26 5.58 4.02
CA LYS A 84 -14.83 4.73 2.99
C LYS A 84 -13.69 4.07 2.23
N THR A 85 -13.76 2.75 2.10
CA THR A 85 -12.79 1.97 1.32
C THR A 85 -13.42 1.60 -0.02
N TYR A 86 -12.67 1.80 -1.09
CA TYR A 86 -13.07 1.48 -2.45
C TYR A 86 -12.17 0.44 -3.05
N GLY A 87 -12.79 -0.52 -3.74
CA GLY A 87 -12.05 -1.41 -4.59
C GLY A 87 -11.73 -0.72 -5.91
N VAL A 88 -10.53 -0.97 -6.44
CA VAL A 88 -10.05 -0.36 -7.68
C VAL A 88 -9.65 -1.48 -8.63
N THR A 89 -10.39 -1.58 -9.74
CA THR A 89 -10.12 -2.62 -10.74
C THR A 89 -9.65 -1.95 -12.00
N ILE A 90 -8.46 -2.30 -12.47
CA ILE A 90 -7.86 -1.66 -13.62
C ILE A 90 -7.66 -2.68 -14.73
N SER A 91 -8.34 -2.41 -15.83
CA SER A 91 -8.44 -3.33 -16.97
C SER A 91 -8.12 -2.57 -18.28
N LYS A 92 -7.83 -3.34 -19.33
CA LYS A 92 -7.56 -2.79 -20.64
C LYS A 92 -8.42 -3.51 -21.68
N LYS A 93 -9.00 -2.72 -22.59
CA LYS A 93 -9.62 -3.24 -23.80
C LYS A 93 -9.08 -2.39 -24.94
N GLN A 94 -8.38 -3.05 -25.87
CA GLN A 94 -7.61 -2.39 -26.91
C GLN A 94 -6.64 -1.46 -26.22
N SER A 95 -6.62 -0.19 -26.58
CA SER A 95 -5.71 0.78 -26.00
C SER A 95 -6.36 1.56 -24.86
N ILE A 96 -7.59 1.22 -24.48
CA ILE A 96 -8.32 1.97 -23.47
C ILE A 96 -8.14 1.30 -22.12
N ILE A 97 -7.57 2.04 -21.18
CA ILE A 97 -7.49 1.61 -19.79
C ILE A 97 -8.66 2.18 -19.02
N SER A 98 -9.31 1.32 -18.21
CA SER A 98 -10.40 1.69 -17.34
C SER A 98 -10.04 1.36 -15.89
N ILE A 99 -10.20 2.38 -15.06
CA ILE A 99 -10.04 2.29 -13.61
C ILE A 99 -11.43 2.39 -13.03
N ASN A 100 -11.91 1.29 -12.50
CA ASN A 100 -13.26 1.21 -11.95
C ASN A 100 -13.24 1.17 -10.46
N PHE A 101 -13.95 2.08 -9.85
CA PHE A 101 -14.12 2.13 -8.38
C PHE A 101 -15.38 1.36 -8.01
N SER A 102 -15.35 0.70 -6.87
CA SER A 102 -16.46 -0.15 -6.45
C SER A 102 -17.74 0.63 -6.22
N SER A 103 -17.62 1.89 -5.83
CA SER A 103 -18.75 2.77 -5.69
C SER A 103 -18.28 4.18 -6.06
N SER A 104 -19.23 5.08 -6.20
CA SER A 104 -18.89 6.43 -6.61
C SER A 104 -18.04 7.14 -5.55
N LEU A 105 -17.03 7.84 -6.02
CA LEU A 105 -16.18 8.61 -5.13
C LEU A 105 -16.92 9.87 -4.62
N GLU A 106 -16.54 10.33 -3.44
CA GLU A 106 -17.04 11.60 -2.93
C GLU A 106 -16.31 12.74 -3.61
N PRO A 107 -17.05 13.72 -4.16
CA PRO A 107 -16.36 14.86 -4.74
C PRO A 107 -15.54 15.66 -3.73
N ASN A 108 -14.40 16.17 -4.18
CA ASN A 108 -13.63 17.18 -3.43
C ASN A 108 -13.04 16.68 -2.11
N ILE A 109 -12.80 15.38 -2.05
CA ILE A 109 -12.12 14.76 -0.94
C ILE A 109 -10.97 13.93 -1.52
N MET A 110 -9.80 14.04 -0.91
CA MET A 110 -8.65 13.33 -1.40
C MET A 110 -8.84 11.80 -1.33
N VAL A 111 -8.37 11.10 -2.35
CA VAL A 111 -8.34 9.64 -2.43
C VAL A 111 -6.90 9.24 -2.17
N SER A 112 -6.69 8.24 -1.29
CA SER A 112 -5.33 7.80 -1.00
C SER A 112 -4.66 7.14 -2.22
N ALA A 113 -3.32 7.25 -2.26
CA ALA A 113 -2.52 6.55 -3.22
C ALA A 113 -2.70 5.04 -3.06
N TRP A 114 -2.53 4.33 -4.17
CA TRP A 114 -2.67 2.87 -4.16
C TRP A 114 -1.65 2.26 -5.08
N THR A 115 -1.43 0.97 -4.83
CA THR A 115 -0.55 0.19 -5.65
C THR A 115 -1.13 -1.21 -5.86
N ALA A 116 -1.01 -1.70 -7.08
CA ALA A 116 -1.43 -3.05 -7.45
C ALA A 116 -0.22 -3.81 -7.95
N SER A 117 -0.21 -5.13 -7.76
CA SER A 117 0.90 -5.96 -8.21
C SER A 117 0.37 -7.32 -8.68
N ILE A 118 0.80 -7.71 -9.88
CA ILE A 118 0.53 -9.03 -10.43
C ILE A 118 1.86 -9.72 -10.67
N THR A 119 1.94 -10.98 -10.27
CA THR A 119 3.07 -11.83 -10.65
C THR A 119 2.66 -12.83 -11.74
N ARG A 120 3.48 -12.93 -12.78
CA ARG A 120 3.38 -14.01 -13.78
C ARG A 120 4.59 -14.93 -13.61
N THR A 121 4.33 -16.23 -13.51
CA THR A 121 5.39 -17.22 -13.29
C THR A 121 5.75 -17.90 -14.63
N THR B 7 23.26 -6.29 1.49
CA THR B 7 21.83 -6.09 0.95
C THR B 7 20.91 -7.36 1.26
N ARG B 8 19.86 -7.68 0.46
CA ARG B 8 19.22 -9.05 0.39
C ARG B 8 17.76 -9.01 -0.11
N GLN B 9 17.46 -9.83 -1.09
CA GLN B 9 16.14 -9.84 -1.64
C GLN B 9 15.88 -11.13 -2.35
N GLY B 10 14.62 -11.46 -2.48
CA GLY B 10 14.26 -12.67 -3.19
C GLY B 10 12.76 -12.80 -3.32
N SER B 11 12.35 -13.91 -3.91
CA SER B 11 10.96 -14.17 -4.24
C SER B 11 10.65 -15.61 -3.90
N ARG B 12 9.38 -15.88 -3.65
CA ARG B 12 8.89 -17.24 -3.40
C ARG B 12 7.48 -17.35 -3.96
N VAL B 13 7.31 -18.23 -4.94
CA VAL B 13 5.99 -18.55 -5.46
C VAL B 13 5.52 -19.80 -4.72
N VAL B 14 4.39 -19.70 -4.06
CA VAL B 14 3.87 -20.77 -3.22
C VAL B 14 2.61 -21.31 -3.85
N GLY B 15 2.58 -22.62 -4.16
CA GLY B 15 1.32 -23.32 -4.43
C GLY B 15 0.68 -23.72 -3.11
N PHE B 16 -0.49 -23.18 -2.80
CA PHE B 16 -1.22 -23.51 -1.58
C PHE B 16 -2.58 -24.03 -2.00
N MET B 17 -2.88 -25.27 -1.63
CA MET B 17 -4.02 -25.94 -2.19
C MET B 17 -3.93 -25.80 -3.71
N ASP B 18 -5.01 -25.39 -4.36
CA ASP B 18 -5.08 -25.26 -5.81
C ASP B 18 -4.96 -23.83 -6.28
N PHE B 19 -4.21 -22.98 -5.56
CA PHE B 19 -3.95 -21.63 -6.06
C PHE B 19 -2.51 -21.23 -5.75
N ILE B 20 -2.10 -20.10 -6.31
CA ILE B 20 -0.71 -19.60 -6.21
C ILE B 20 -0.73 -18.26 -5.47
N ILE B 21 0.24 -18.06 -4.58
CA ILE B 21 0.57 -16.74 -4.07
C ILE B 21 2.06 -16.50 -4.34
N ALA B 22 2.40 -15.25 -4.61
CA ALA B 22 3.74 -14.87 -4.98
C ALA B 22 4.23 -13.79 -4.00
N LEU B 23 5.23 -14.15 -3.23
CA LEU B 23 5.83 -13.31 -2.19
C LEU B 23 7.18 -12.78 -2.63
N GLY B 24 7.46 -11.57 -2.18
CA GLY B 24 8.78 -10.99 -2.32
C GLY B 24 9.24 -10.51 -0.97
N TRP B 25 10.55 -10.60 -0.74
CA TRP B 25 11.13 -10.11 0.50
C TRP B 25 12.35 -9.25 0.19
N GLN B 26 12.62 -8.31 1.09
CA GLN B 26 13.76 -7.44 0.96
C GLN B 26 14.23 -7.05 2.33
N ILE B 27 15.56 -6.98 2.46
CA ILE B 27 16.20 -6.38 3.63
C ILE B 27 16.91 -5.14 3.14
N ILE B 28 16.67 -4.01 3.81
CA ILE B 28 17.34 -2.76 3.46
C ILE B 28 18.16 -2.33 4.67
N PRO B 29 19.44 -2.71 4.69
CA PRO B 29 20.32 -2.25 5.75
C PRO B 29 20.45 -0.74 5.70
N SER B 30 20.67 -0.16 6.88
CA SER B 30 20.74 1.27 7.01
C SER B 30 21.47 1.62 8.29
N ASN B 31 22.06 2.82 8.32
CA ASN B 31 22.55 3.36 9.57
C ASN B 31 21.47 4.02 10.40
N ILE B 32 20.29 4.21 9.82
CA ILE B 32 19.19 4.98 10.46
C ILE B 32 17.91 4.13 10.61
N ARG B 33 17.49 3.49 9.52
CA ARG B 33 16.20 2.81 9.44
C ARG B 33 16.37 1.49 8.68
N TYR B 34 16.71 0.46 9.43
CA TYR B 34 17.01 -0.86 8.91
C TYR B 34 15.68 -1.59 8.69
N ILE B 35 15.34 -1.88 7.44
CA ILE B 35 13.99 -2.32 7.09
C ILE B 35 13.96 -3.76 6.62
N TYR B 36 12.88 -4.44 7.02
CA TYR B 36 12.51 -5.77 6.52
C TYR B 36 11.14 -5.65 5.85
N ILE B 37 11.07 -6.06 4.58
CA ILE B 37 9.87 -5.93 3.78
C ILE B 37 9.41 -7.29 3.32
N LEU B 38 8.09 -7.51 3.44
CA LEU B 38 7.43 -8.68 2.86
C LEU B 38 6.28 -8.19 2.00
N ASN B 39 6.22 -8.61 0.75
CA ASN B 39 5.08 -8.28 -0.03
C ASN B 39 4.50 -9.45 -0.76
N CYS B 40 3.29 -9.26 -1.23
CA CYS B 40 2.53 -10.33 -1.86
C CYS B 40 1.74 -9.71 -3.00
N SER B 41 1.80 -10.35 -4.16
CA SER B 41 0.98 -9.92 -5.30
C SER B 41 -0.49 -10.27 -5.06
N GLN B 42 -1.38 -9.69 -5.84
CA GLN B 42 -2.79 -10.11 -5.75
C GLN B 42 -2.88 -11.60 -6.03
N PHE B 43 -3.90 -12.23 -5.44
CA PHE B 43 -4.11 -13.68 -5.63
C PHE B 43 -5.59 -13.99 -5.49
N MET B 44 -5.98 -15.16 -5.97
CA MET B 44 -7.37 -15.56 -5.91
C MET B 44 -7.47 -16.90 -5.19
N PRO B 45 -7.88 -16.86 -3.92
CA PRO B 45 -8.07 -18.10 -3.20
C PRO B 45 -9.29 -18.84 -3.75
N THR B 46 -9.28 -20.15 -3.63
CA THR B 46 -10.37 -21.00 -4.15
C THR B 46 -11.26 -21.58 -3.07
N SER B 47 -11.01 -21.25 -1.82
CA SER B 47 -11.80 -21.73 -0.71
C SER B 47 -11.71 -20.70 0.39
N ASP B 48 -12.43 -20.94 1.47
CA ASP B 48 -12.55 -20.00 2.57
C ASP B 48 -11.36 -20.12 3.51
N VAL B 49 -10.19 -19.79 2.98
CA VAL B 49 -8.93 -19.92 3.71
C VAL B 49 -8.81 -18.87 4.80
N THR B 50 -8.31 -19.32 5.96
CA THR B 50 -7.90 -18.40 7.02
C THR B 50 -6.37 -18.33 7.16
N THR B 51 -5.68 -19.41 6.85
CA THR B 51 -4.22 -19.46 7.00
C THR B 51 -3.61 -20.07 5.75
N ILE B 52 -2.62 -19.39 5.21
CA ILE B 52 -1.78 -19.94 4.16
C ILE B 52 -0.44 -20.23 4.83
N TYR B 53 0.11 -21.41 4.64
CA TYR B 53 1.37 -21.80 5.30
C TYR B 53 2.23 -22.63 4.35
N PHE B 54 3.54 -22.61 4.58
CA PHE B 54 4.49 -23.30 3.74
C PHE B 54 5.84 -23.26 4.42
N GLN B 55 6.76 -24.11 3.97
CA GLN B 55 8.11 -24.10 4.49
C GLN B 55 8.96 -23.12 3.72
N ALA B 56 9.70 -22.29 4.44
CA ALA B 56 10.58 -21.30 3.84
C ALA B 56 11.99 -21.79 3.77
N ASP B 57 12.74 -21.25 2.81
CA ASP B 57 14.19 -21.42 2.73
C ASP B 57 14.87 -20.25 3.45
N SER B 58 16.19 -20.29 3.55
CA SER B 58 16.93 -19.35 4.40
C SER B 58 16.70 -17.89 4.04
N GLY B 59 16.52 -17.58 2.76
CA GLY B 59 16.35 -16.22 2.32
C GLY B 59 15.10 -15.60 2.91
N LEU B 60 13.96 -16.23 2.67
CA LEU B 60 12.73 -15.70 3.22
C LEU B 60 12.73 -15.76 4.74
N GLU B 61 13.30 -16.82 5.32
CA GLU B 61 13.42 -16.89 6.77
C GLU B 61 14.16 -15.71 7.37
N SER B 62 15.10 -15.15 6.60
CA SER B 62 16.01 -14.14 7.10
C SER B 62 15.35 -12.80 7.44
N ILE B 63 14.10 -12.57 7.00
CA ILE B 63 13.41 -11.33 7.39
C ILE B 63 12.67 -11.41 8.71
N PHE B 64 12.59 -12.61 9.31
CA PHE B 64 11.81 -12.84 10.52
C PHE B 64 12.75 -12.81 11.69
N VAL B 65 13.25 -11.61 11.98
CA VAL B 65 14.27 -11.34 13.00
C VAL B 65 13.65 -10.81 14.28
N MET B 66 12.50 -10.14 14.18
CA MET B 66 11.80 -9.56 15.33
C MET B 66 10.83 -10.57 15.93
N ASP B 67 10.53 -10.37 17.21
CA ASP B 67 9.51 -11.15 17.91
C ASP B 67 8.14 -10.84 17.31
N SER B 68 7.93 -9.57 16.98
CA SER B 68 6.64 -9.15 16.42
C SER B 68 6.43 -9.70 14.99
N PRO B 69 5.26 -10.29 14.75
CA PRO B 69 4.95 -10.66 13.38
C PRO B 69 4.76 -9.45 12.46
N PHE B 70 4.91 -9.66 11.16
CA PHE B 70 4.49 -8.65 10.20
C PHE B 70 2.96 -8.52 10.24
N TYR B 71 2.49 -7.27 10.11
CA TYR B 71 1.06 -6.97 10.04
C TYR B 71 0.77 -6.06 8.88
N ALA B 72 -0.11 -6.50 8.00
CA ALA B 72 -0.53 -5.73 6.84
C ALA B 72 -2.05 -5.83 6.70
N SER B 73 -2.59 -5.26 5.62
CA SER B 73 -4.00 -5.44 5.33
C SER B 73 -4.19 -5.66 3.87
N CYS B 74 -5.33 -6.26 3.53
CA CYS B 74 -5.70 -6.46 2.14
C CYS B 74 -7.22 -6.45 2.06
N THR B 75 -7.75 -6.45 0.84
CA THR B 75 -9.18 -6.39 0.64
C THR B 75 -9.63 -7.39 -0.40
N GLN B 76 -10.94 -7.65 -0.36
CA GLN B 76 -11.69 -8.26 -1.48
C GLN B 76 -12.92 -7.40 -1.76
N GLN B 77 -13.20 -7.26 -3.05
CA GLN B 77 -14.42 -6.63 -3.51
C GLN B 77 -15.49 -7.71 -3.68
N LEU B 78 -16.46 -7.68 -2.79
CA LEU B 78 -17.50 -8.70 -2.75
C LEU B 78 -18.52 -8.48 -3.86
N PRO B 79 -19.38 -9.45 -4.11
CA PRO B 79 -20.20 -9.35 -5.32
C PRO B 79 -21.19 -8.19 -5.36
N ASP B 80 -21.60 -7.68 -4.18
CA ASP B 80 -22.43 -6.50 -4.11
C ASP B 80 -21.65 -5.18 -4.18
N LYS B 81 -20.35 -5.29 -4.44
CA LYS B 81 -19.40 -4.19 -4.60
C LYS B 81 -19.08 -3.49 -3.28
N THR B 82 -19.45 -4.08 -2.15
CA THR B 82 -18.86 -3.69 -0.87
C THR B 82 -17.45 -4.28 -0.78
N ILE B 83 -16.62 -3.66 0.07
CA ILE B 83 -15.25 -4.06 0.26
C ILE B 83 -15.07 -4.61 1.67
N LYS B 84 -14.49 -5.81 1.75
CA LYS B 84 -14.09 -6.37 3.04
C LYS B 84 -12.58 -6.23 3.19
N THR B 85 -12.19 -5.74 4.35
CA THR B 85 -10.78 -5.56 4.68
C THR B 85 -10.37 -6.62 5.67
N TYR B 86 -9.21 -7.21 5.42
CA TYR B 86 -8.66 -8.26 6.25
C TYR B 86 -7.30 -7.82 6.81
N GLY B 87 -7.10 -8.13 8.08
CA GLY B 87 -5.78 -8.07 8.66
C GLY B 87 -4.99 -9.27 8.24
N VAL B 88 -3.70 -9.06 7.99
CA VAL B 88 -2.80 -10.11 7.55
C VAL B 88 -1.62 -10.15 8.52
N THR B 89 -1.46 -11.27 9.24
CA THR B 89 -0.39 -11.40 10.23
C THR B 89 0.52 -12.51 9.75
N ILE B 90 1.79 -12.20 9.57
CA ILE B 90 2.75 -13.16 9.00
C ILE B 90 3.84 -13.44 10.04
N SER B 91 3.94 -14.72 10.40
CA SER B 91 4.86 -15.19 11.45
C SER B 91 5.61 -16.42 10.98
N LYS B 92 6.68 -16.74 11.71
CA LYS B 92 7.55 -17.90 11.42
C LYS B 92 7.69 -18.72 12.69
N LYS B 93 7.57 -20.04 12.54
CA LYS B 93 7.87 -20.98 13.63
C LYS B 93 8.62 -22.11 13.00
N GLN B 94 9.86 -22.29 13.44
CA GLN B 94 10.80 -23.14 12.80
C GLN B 94 10.83 -22.59 11.35
N SER B 95 10.78 -23.45 10.37
CA SER B 95 10.84 -23.04 8.99
C SER B 95 9.47 -22.83 8.39
N ILE B 96 8.38 -22.90 9.18
CA ILE B 96 7.04 -22.74 8.64
C ILE B 96 6.64 -21.26 8.75
N ILE B 97 6.25 -20.69 7.60
CA ILE B 97 5.68 -19.36 7.57
C ILE B 97 4.17 -19.50 7.55
N SER B 98 3.51 -18.74 8.43
CA SER B 98 2.05 -18.71 8.46
C SER B 98 1.57 -17.30 8.17
N ILE B 99 0.69 -17.23 7.17
CA ILE B 99 -0.01 -15.99 6.78
C ILE B 99 -1.45 -16.14 7.25
N ASN B 100 -1.81 -15.41 8.31
CA ASN B 100 -3.12 -15.52 8.94
C ASN B 100 -3.96 -14.32 8.57
N PHE B 101 -5.14 -14.60 8.03
CA PHE B 101 -6.10 -13.58 7.70
C PHE B 101 -7.07 -13.43 8.87
N SER B 102 -7.53 -12.23 9.12
CA SER B 102 -8.36 -11.96 10.30
C SER B 102 -9.71 -12.68 10.26
N SER B 103 -10.19 -12.94 9.04
CA SER B 103 -11.38 -13.74 8.85
C SER B 103 -11.16 -14.54 7.59
N SER B 104 -11.94 -15.59 7.40
CA SER B 104 -11.77 -16.42 6.23
C SER B 104 -12.07 -15.62 4.94
N LEU B 105 -11.28 -15.88 3.91
CA LEU B 105 -11.43 -15.19 2.66
C LEU B 105 -12.65 -15.73 1.93
N GLU B 106 -13.18 -14.92 1.03
CA GLU B 106 -14.25 -15.38 0.13
C GLU B 106 -13.65 -16.07 -1.08
N PRO B 107 -14.14 -17.29 -1.40
CA PRO B 107 -13.56 -17.97 -2.53
C PRO B 107 -13.78 -17.27 -3.86
N ASN B 108 -12.81 -17.41 -4.75
CA ASN B 108 -12.96 -17.06 -6.15
C ASN B 108 -13.16 -15.56 -6.40
N ILE B 109 -12.59 -14.75 -5.49
CA ILE B 109 -12.58 -13.30 -5.61
C ILE B 109 -11.14 -12.85 -5.35
N MET B 110 -10.62 -11.98 -6.20
CA MET B 110 -9.25 -11.49 -6.07
C MET B 110 -9.05 -10.80 -4.72
N VAL B 111 -7.88 -11.04 -4.14
CA VAL B 111 -7.40 -10.36 -2.95
C VAL B 111 -6.32 -9.38 -3.40
N SER B 112 -6.39 -8.13 -2.92
CA SER B 112 -5.42 -7.14 -3.30
C SER B 112 -4.00 -7.48 -2.84
N ALA B 113 -3.02 -7.00 -3.60
CA ALA B 113 -1.63 -7.07 -3.17
C ALA B 113 -1.43 -6.31 -1.87
N TRP B 114 -0.45 -6.76 -1.08
CA TRP B 114 -0.15 -6.11 0.19
C TRP B 114 1.34 -6.09 0.43
N THR B 115 1.73 -5.17 1.31
CA THR B 115 3.13 -5.03 1.71
C THR B 115 3.17 -4.75 3.21
N ALA B 116 4.09 -5.43 3.87
CA ALA B 116 4.40 -5.24 5.29
C ALA B 116 5.84 -4.73 5.40
N SER B 117 6.05 -3.87 6.38
CA SER B 117 7.35 -3.26 6.59
C SER B 117 7.60 -3.16 8.08
N ILE B 118 8.75 -3.71 8.53
CA ILE B 118 9.23 -3.57 9.90
C ILE B 118 10.55 -2.83 9.87
N THR B 119 10.68 -1.83 10.73
CA THR B 119 11.99 -1.20 10.97
C THR B 119 12.54 -1.79 12.25
N ARG B 120 13.77 -2.29 12.19
CA ARG B 120 14.42 -2.81 13.39
C ARG B 120 15.04 -1.71 14.18
N THR B 121 14.70 -1.57 15.46
CA THR B 121 15.22 -0.50 16.36
C THR B 121 14.35 0.79 16.44
N THR C 7 17.31 11.37 -7.91
CA THR C 7 16.39 10.88 -6.79
C THR C 7 17.01 11.22 -5.44
N ARG C 8 16.20 11.70 -4.51
CA ARG C 8 16.63 12.04 -3.16
C ARG C 8 15.81 11.20 -2.18
N GLN C 9 16.39 10.85 -1.06
CA GLN C 9 15.69 10.00 -0.09
C GLN C 9 16.31 10.16 1.28
N GLY C 10 15.54 9.81 2.29
CA GLY C 10 16.04 9.78 3.65
C GLY C 10 15.08 9.08 4.57
N SER C 11 15.42 9.06 5.85
CA SER C 11 14.60 8.42 6.86
C SER C 11 14.57 9.21 8.12
N ARG C 12 13.58 8.93 8.95
CA ARG C 12 13.46 9.55 10.24
C ARG C 12 12.80 8.55 11.18
N VAL C 13 13.51 8.19 12.25
CA VAL C 13 12.98 7.35 13.32
C VAL C 13 12.63 8.27 14.47
N VAL C 14 11.36 8.23 14.87
CA VAL C 14 10.78 9.19 15.81
C VAL C 14 10.38 8.46 17.09
N GLY C 15 10.88 8.94 18.23
CA GLY C 15 10.34 8.53 19.50
C GLY C 15 9.21 9.47 19.86
N PHE C 16 7.98 8.99 19.89
CA PHE C 16 6.81 9.77 20.23
C PHE C 16 6.23 9.18 21.49
N MET C 17 6.13 9.99 22.55
CA MET C 17 5.81 9.44 23.85
C MET C 17 6.76 8.24 24.09
N ASP C 18 6.25 7.09 24.51
CA ASP C 18 7.07 5.92 24.78
C ASP C 18 6.99 4.86 23.66
N PHE C 19 6.82 5.28 22.40
CA PHE C 19 6.92 4.34 21.29
C PHE C 19 7.66 4.95 20.13
N ILE C 20 7.99 4.09 19.16
CA ILE C 20 8.80 4.45 17.99
C ILE C 20 7.93 4.34 16.74
N ILE C 21 8.05 5.34 15.87
CA ILE C 21 7.55 5.21 14.49
C ILE C 21 8.71 5.54 13.55
N ALA C 22 8.78 4.84 12.44
CA ALA C 22 9.91 4.91 11.51
C ALA C 22 9.40 5.24 10.13
N LEU C 23 9.86 6.37 9.63
CA LEU C 23 9.42 6.96 8.37
C LEU C 23 10.53 7.02 7.36
N GLY C 24 10.14 6.96 6.08
CA GLY C 24 11.02 7.19 4.97
C GLY C 24 10.42 8.14 3.98
N TRP C 25 11.26 8.87 3.27
CA TRP C 25 10.77 9.77 2.23
C TRP C 25 11.62 9.60 0.97
N GLN C 26 11.05 9.98 -0.16
CA GLN C 26 11.76 10.00 -1.43
C GLN C 26 11.18 11.08 -2.31
N ILE C 27 12.04 11.66 -3.14
CA ILE C 27 11.62 12.53 -4.22
C ILE C 27 12.18 11.94 -5.51
N ILE C 28 11.29 11.62 -6.45
CA ILE C 28 11.67 10.99 -7.70
C ILE C 28 11.32 11.97 -8.83
N PRO C 29 12.33 12.58 -9.45
CA PRO C 29 12.10 13.53 -10.52
C PRO C 29 12.01 12.85 -11.89
N SER C 30 11.18 13.41 -12.76
CA SER C 30 11.12 12.99 -14.17
C SER C 30 10.67 14.16 -15.04
N ASN C 31 10.70 13.94 -16.34
CA ASN C 31 10.20 14.92 -17.30
C ASN C 31 8.75 15.29 -17.04
N ILE C 32 7.96 14.25 -16.74
CA ILE C 32 6.49 14.35 -16.63
C ILE C 32 6.04 14.90 -15.26
N ARG C 33 6.78 14.59 -14.20
CA ARG C 33 6.33 14.86 -12.83
C ARG C 33 7.47 14.75 -11.81
N TYR C 34 7.24 15.29 -10.62
CA TYR C 34 8.00 14.91 -9.43
C TYR C 34 7.08 14.07 -8.56
N ILE C 35 7.60 12.94 -8.06
CA ILE C 35 6.84 12.10 -7.13
C ILE C 35 7.43 12.26 -5.73
N TYR C 36 6.58 12.52 -4.75
CA TYR C 36 6.95 12.70 -3.35
C TYR C 36 6.33 11.54 -2.57
N ILE C 37 7.18 10.71 -1.96
CA ILE C 37 6.76 9.50 -1.27
C ILE C 37 7.06 9.65 0.21
N LEU C 38 6.09 9.27 1.04
CA LEU C 38 6.26 9.18 2.47
C LEU C 38 5.78 7.81 2.91
N ASN C 39 6.61 7.05 3.60
N ASN C 39 6.67 7.05 3.55
CA ASN C 39 6.11 5.82 4.11
CA ASN C 39 6.43 5.65 3.98
C ASN C 39 6.49 5.61 5.54
C ASN C 39 6.56 5.56 5.51
N CYS C 40 5.86 4.62 6.12
CA CYS C 40 5.93 4.39 7.56
C CYS C 40 5.85 2.89 7.80
N SER C 41 6.77 2.34 8.58
CA SER C 41 6.69 0.94 8.95
C SER C 41 5.55 0.71 9.97
N GLN C 42 5.21 -0.55 10.16
CA GLN C 42 4.26 -0.87 11.21
C GLN C 42 4.77 -0.34 12.56
N PHE C 43 3.84 0.00 13.45
CA PHE C 43 4.21 0.50 14.78
C PHE C 43 3.11 0.17 15.76
N MET C 44 3.46 0.21 17.04
CA MET C 44 2.49 -0.12 18.10
C MET C 44 2.34 1.06 19.04
N PRO C 45 1.25 1.85 18.89
CA PRO C 45 1.06 2.93 19.84
C PRO C 45 0.70 2.35 21.20
N THR C 46 1.01 3.10 22.24
CA THR C 46 0.81 2.69 23.64
C THR C 46 -0.36 3.40 24.31
N SER C 47 -1.03 4.28 23.57
CA SER C 47 -2.17 5.01 24.09
C SER C 47 -3.11 5.33 22.94
N ASP C 48 -4.25 5.97 23.26
CA ASP C 48 -5.28 6.29 22.28
C ASP C 48 -4.92 7.55 21.49
N VAL C 49 -3.82 7.42 20.76
CA VAL C 49 -3.22 8.49 19.97
C VAL C 49 -4.12 8.90 18.80
N THR C 50 -4.33 10.19 18.65
CA THR C 50 -4.93 10.75 17.43
C THR C 50 -3.93 11.52 16.58
N THR C 51 -2.88 12.05 17.19
CA THR C 51 -1.88 12.84 16.48
C THR C 51 -0.48 12.47 16.93
N ILE C 52 0.40 12.23 15.97
CA ILE C 52 1.81 12.08 16.22
C ILE C 52 2.50 13.23 15.56
N TYR C 53 3.37 13.92 16.28
CA TYR C 53 4.04 15.11 15.76
C TYR C 53 5.50 15.10 16.17
N PHE C 54 6.31 15.83 15.42
CA PHE C 54 7.75 15.88 15.67
C PHE C 54 8.36 16.97 14.79
N GLN C 55 9.58 17.37 15.12
CA GLN C 55 10.34 18.31 14.31
C GLN C 55 11.06 17.60 13.17
N ALA C 56 10.98 18.13 11.96
CA ALA C 56 11.64 17.52 10.81
C ALA C 56 12.90 18.25 10.52
N ASP C 57 13.85 17.53 9.94
CA ASP C 57 15.01 18.17 9.35
C ASP C 57 14.74 18.48 7.89
N SER C 58 15.73 19.07 7.24
CA SER C 58 15.56 19.65 5.92
C SER C 58 15.15 18.61 4.89
N GLY C 59 15.63 17.39 5.08
CA GLY C 59 15.34 16.31 4.14
C GLY C 59 13.86 16.00 4.09
N LEU C 60 13.30 15.66 5.23
CA LEU C 60 11.90 15.33 5.29
C LEU C 60 11.04 16.56 4.97
N GLU C 61 11.46 17.75 5.43
CA GLU C 61 10.73 18.98 5.10
C GLU C 61 10.52 19.16 3.60
N SER C 62 11.51 18.69 2.84
CA SER C 62 11.59 18.91 1.39
C SER C 62 10.49 18.23 0.61
N ILE C 63 9.77 17.26 1.20
CA ILE C 63 8.65 16.65 0.45
C ILE C 63 7.33 17.38 0.57
N PHE C 64 7.26 18.38 1.43
CA PHE C 64 6.03 19.13 1.67
C PHE C 64 6.00 20.40 0.82
N VAL C 65 5.83 20.17 -0.48
CA VAL C 65 5.89 21.18 -1.53
C VAL C 65 4.49 21.62 -1.96
N MET C 66 3.53 20.72 -1.86
CA MET C 66 2.16 21.02 -2.28
C MET C 66 1.37 21.58 -1.09
N ASP C 67 0.29 22.30 -1.41
CA ASP C 67 -0.62 22.80 -0.38
C ASP C 67 -1.36 21.67 0.31
N SER C 68 -1.66 20.63 -0.45
CA SER C 68 -2.42 19.48 0.04
C SER C 68 -1.54 18.63 0.95
N PRO C 69 -2.08 18.24 2.11
CA PRO C 69 -1.36 17.25 2.91
C PRO C 69 -1.30 15.88 2.21
N PHE C 70 -0.37 15.05 2.65
CA PHE C 70 -0.40 13.65 2.24
C PHE C 70 -1.59 12.95 2.91
N TYR C 71 -2.22 12.03 2.19
CA TYR C 71 -3.35 11.24 2.71
C TYR C 71 -3.13 9.78 2.38
N ALA C 72 -3.11 8.94 3.43
CA ALA C 72 -2.97 7.48 3.28
C ALA C 72 -3.96 6.81 4.22
N SER C 73 -3.89 5.50 4.31
CA SER C 73 -4.72 4.77 5.26
C SER C 73 -3.92 3.68 5.92
N CYS C 74 -4.41 3.26 7.07
CA CYS C 74 -3.78 2.14 7.79
C CYS C 74 -4.85 1.39 8.56
N THR C 75 -4.49 0.28 9.16
CA THR C 75 -5.44 -0.54 9.91
C THR C 75 -4.87 -0.99 11.23
N GLN C 76 -5.79 -1.39 12.10
CA GLN C 76 -5.50 -2.23 13.27
C GLN C 76 -6.50 -3.40 13.28
N GLN C 77 -6.05 -4.55 13.77
CA GLN C 77 -6.87 -5.74 13.95
C GLN C 77 -7.23 -5.87 15.44
N LEU C 78 -8.52 -5.77 15.76
CA LEU C 78 -9.00 -5.90 17.15
C LEU C 78 -8.93 -7.35 17.56
N PRO C 79 -8.92 -7.61 18.87
CA PRO C 79 -8.87 -8.99 19.37
C PRO C 79 -10.02 -9.85 18.86
N ASP C 80 -11.18 -9.22 18.64
CA ASP C 80 -12.34 -9.91 18.08
C ASP C 80 -12.22 -10.17 16.59
N LYS C 81 -11.12 -9.72 15.98
CA LYS C 81 -10.77 -9.90 14.57
C LYS C 81 -11.40 -8.91 13.60
N THR C 82 -12.23 -7.99 14.09
CA THR C 82 -12.68 -6.92 13.20
C THR C 82 -11.50 -6.00 12.91
N ILE C 83 -11.56 -5.39 11.75
CA ILE C 83 -10.50 -4.52 11.29
C ILE C 83 -11.00 -3.09 11.31
N LYS C 84 -10.22 -2.23 11.94
CA LYS C 84 -10.45 -0.79 11.91
C LYS C 84 -9.52 -0.13 10.90
N THR C 85 -10.10 0.68 10.01
CA THR C 85 -9.33 1.43 9.02
C THR C 85 -9.30 2.89 9.43
N TYR C 86 -8.11 3.51 9.38
CA TYR C 86 -7.92 4.90 9.75
C TYR C 86 -7.41 5.66 8.55
N GLY C 87 -7.96 6.85 8.35
CA GLY C 87 -7.32 7.82 7.44
C GLY C 87 -6.14 8.47 8.14
N VAL C 88 -5.08 8.71 7.37
CA VAL C 88 -3.83 9.27 7.88
C VAL C 88 -3.52 10.52 7.06
N THR C 89 -3.50 11.67 7.72
CA THR C 89 -3.24 12.93 7.05
C THR C 89 -1.93 13.50 7.60
N ILE C 90 -0.97 13.75 6.72
CA ILE C 90 0.34 14.21 7.15
C ILE C 90 0.62 15.58 6.55
N SER C 91 0.82 16.52 7.46
CA SER C 91 0.96 17.92 7.11
C SER C 91 2.17 18.51 7.83
N LYS C 92 2.59 19.68 7.37
CA LYS C 92 3.72 20.38 7.96
C LYS C 92 3.34 21.83 8.24
N LYS C 93 3.75 22.35 9.40
CA LYS C 93 3.70 23.77 9.68
C LYS C 93 5.07 24.15 10.25
N GLN C 94 5.77 25.05 9.55
CA GLN C 94 7.18 25.35 9.84
C GLN C 94 7.95 24.00 9.84
N SER C 95 8.68 23.68 10.90
CA SER C 95 9.46 22.46 10.94
C SER C 95 8.72 21.32 11.61
N ILE C 96 7.46 21.54 12.02
CA ILE C 96 6.68 20.49 12.72
C ILE C 96 5.84 19.69 11.72
N ILE C 97 6.06 18.38 11.72
CA ILE C 97 5.24 17.45 10.96
C ILE C 97 4.19 16.89 11.90
N SER C 98 2.94 16.84 11.44
CA SER C 98 1.84 16.24 12.15
C SER C 98 1.21 15.13 11.32
N ILE C 99 1.06 13.98 11.95
CA ILE C 99 0.39 12.79 11.42
C ILE C 99 -0.92 12.66 12.20
N ASN C 100 -2.03 12.90 11.52
CA ASN C 100 -3.35 12.85 12.13
C ASN C 100 -4.12 11.64 11.67
N PHE C 101 -4.61 10.88 12.63
CA PHE C 101 -5.45 9.71 12.36
C PHE C 101 -6.91 10.12 12.47
N SER C 102 -7.74 9.54 11.62
CA SER C 102 -9.15 9.93 11.55
C SER C 102 -9.92 9.67 12.86
N SER C 103 -9.50 8.67 13.61
CA SER C 103 -9.99 8.45 14.95
C SER C 103 -8.84 7.93 15.77
N SER C 104 -9.03 7.89 17.09
CA SER C 104 -7.95 7.47 17.96
C SER C 104 -7.58 6.01 17.75
N LEU C 105 -6.30 5.75 17.78
CA LEU C 105 -5.79 4.40 17.64
C LEU C 105 -6.07 3.59 18.89
N GLU C 106 -6.17 2.27 18.75
CA GLU C 106 -6.26 1.38 19.90
C GLU C 106 -4.87 1.16 20.51
N PRO C 107 -4.75 1.29 21.84
CA PRO C 107 -3.47 1.03 22.47
C PRO C 107 -3.04 -0.41 22.31
N ASN C 108 -1.72 -0.58 22.15
CA ASN C 108 -1.11 -1.89 22.23
C ASN C 108 -1.57 -2.92 21.19
N ILE C 109 -1.94 -2.39 20.02
CA ILE C 109 -2.27 -3.19 18.85
C ILE C 109 -1.45 -2.62 17.68
N MET C 110 -0.82 -3.51 16.92
CA MET C 110 0.00 -3.09 15.79
C MET C 110 -0.84 -2.35 14.74
N VAL C 111 -0.26 -1.28 14.21
CA VAL C 111 -0.78 -0.54 13.07
C VAL C 111 -0.01 -0.94 11.81
N SER C 112 -0.72 -1.21 10.72
CA SER C 112 -0.08 -1.63 9.49
C SER C 112 0.77 -0.49 8.89
N ALA C 113 1.82 -0.89 8.19
CA ALA C 113 2.65 0.02 7.42
C ALA C 113 1.81 0.71 6.34
N TRP C 114 2.22 1.91 5.97
CA TRP C 114 1.51 2.67 4.96
C TRP C 114 2.45 3.49 4.12
N THR C 115 1.95 3.86 2.95
CA THR C 115 2.69 4.70 2.03
C THR C 115 1.78 5.72 1.41
N ALA C 116 2.20 6.98 1.40
CA ALA C 116 1.54 8.08 0.71
C ALA C 116 2.38 8.52 -0.46
N SER C 117 1.71 9.01 -1.49
CA SER C 117 2.39 9.50 -2.70
C SER C 117 1.67 10.70 -3.27
N ILE C 118 2.38 11.79 -3.49
CA ILE C 118 1.90 12.96 -4.18
C ILE C 118 2.71 13.14 -5.46
N THR C 119 2.02 13.44 -6.56
CA THR C 119 2.66 13.83 -7.81
C THR C 119 2.44 15.31 -8.04
N ARG C 120 3.52 16.03 -8.35
CA ARG C 120 3.42 17.43 -8.78
C ARG C 120 3.76 17.43 -10.25
N THR C 121 2.81 17.89 -11.06
CA THR C 121 3.03 17.91 -12.52
C THR C 121 4.06 18.96 -12.92
C CO3 D . 12.21 -18.79 0.30
O1 CO3 D . 11.85 -18.35 -0.78
O2 CO3 D . 11.42 -19.49 0.92
O3 CO3 D . 13.35 -18.53 0.70
S SCN E . 13.70 14.53 9.51
C SCN E . 14.57 14.81 8.33
N SCN E . 15.25 15.03 7.43
#